data_1VZM
#
_entry.id   1VZM
#
_cell.length_a   48.700
_cell.length_b   48.700
_cell.length_c   119.100
_cell.angle_alpha   90.00
_cell.angle_beta   90.00
_cell.angle_gamma   120.00
#
_symmetry.space_group_name_H-M   'P 32 2 1'
#
loop_
_entity.id
_entity.type
_entity.pdbx_description
1 polymer OSTEOCALCIN
2 non-polymer 'MAGNESIUM ION'
3 water water
#
_entity_poly.entity_id   1
_entity_poly.type   'polypeptide(L)'
_entity_poly.pdbx_seq_one_letter_code
;AAKELTLAQT(CGU)SLR(CGU)VC(CGU)TNMACD(CGU)MADAQGIVAAYQAFYGPIPF
;
_entity_poly.pdbx_strand_id   A,B,C
#
# COMPACT_ATOMS: atom_id res chain seq x y z
N LYS A 3 10.56 -7.81 26.05
CA LYS A 3 11.69 -6.97 26.38
C LYS A 3 11.93 -5.93 25.29
N GLU A 4 13.00 -5.18 25.47
CA GLU A 4 13.37 -4.07 24.63
C GLU A 4 13.80 -4.60 23.26
N LEU A 5 13.47 -3.88 22.20
CA LEU A 5 13.87 -4.27 20.87
C LEU A 5 15.22 -3.69 20.46
N THR A 6 15.90 -4.42 19.60
CA THR A 6 17.09 -3.78 19.00
C THR A 6 16.68 -2.75 17.96
N LEU A 7 17.65 -1.92 17.56
CA LEU A 7 17.36 -0.90 16.55
C LEU A 7 16.83 -1.60 15.29
N ALA A 8 17.44 -2.71 14.91
CA ALA A 8 17.04 -3.35 13.66
C ALA A 8 15.67 -3.94 13.72
N GLN A 9 15.22 -4.52 14.79
CA GLN A 9 13.95 -5.09 15.15
C GLN A 9 12.92 -3.98 15.08
N THR A 10 13.23 -2.86 15.73
CA THR A 10 12.29 -1.74 15.67
C THR A 10 12.09 -1.29 14.24
N SER A 12 12.48 -3.02 11.55
CA SER A 12 11.76 -4.02 10.75
C SER A 12 10.27 -3.87 10.94
N LEU A 13 9.83 -3.55 12.15
CA LEU A 13 8.41 -3.25 12.37
C LEU A 13 7.97 -1.97 11.64
N ARG A 14 8.82 -0.94 11.73
CA ARG A 14 8.50 0.35 11.12
C ARG A 14 8.31 0.27 9.63
N VAL A 16 7.20 -2.24 7.84
CA VAL A 16 5.93 -2.87 7.50
C VAL A 16 4.81 -1.86 7.71
N CYS A 17 4.86 -1.21 8.86
CA CYS A 17 3.82 -0.24 9.13
C CYS A 17 3.86 0.90 8.13
N THR A 19 4.00 0.95 5.04
CA THR A 19 3.31 0.81 3.78
C THR A 19 1.84 0.45 3.95
N ASN A 20 1.40 0.62 5.17
CA ASN A 20 0.01 0.48 5.65
C ASN A 20 -0.39 1.80 6.25
N MET A 21 -1.13 2.61 5.49
CA MET A 21 -1.41 3.97 5.95
C MET A 21 -2.13 3.92 7.29
N ALA A 22 -2.90 2.87 7.49
CA ALA A 22 -3.67 2.83 8.74
C ALA A 22 -2.80 2.51 9.94
N CYS A 23 -1.88 1.58 9.78
CA CYS A 23 -0.89 1.34 10.83
C CYS A 23 -0.05 2.58 11.14
N ASP A 24 0.39 3.17 10.03
CA ASP A 24 1.26 4.36 10.04
C ASP A 24 0.69 5.43 10.96
N MET A 26 -1.67 5.05 13.18
CA MET A 26 -1.90 4.53 14.54
C MET A 26 -0.62 4.59 15.34
N ALA A 27 0.50 4.35 14.66
CA ALA A 27 1.78 4.32 15.36
C ALA A 27 2.17 5.70 15.87
N ASP A 28 1.48 6.73 15.39
CA ASP A 28 1.93 8.07 15.77
C ASP A 28 1.81 8.27 17.28
N ALA A 29 0.64 7.88 17.79
CA ALA A 29 0.33 8.05 19.20
C ALA A 29 0.35 6.74 19.97
N GLN A 30 0.20 5.62 19.27
CA GLN A 30 0.19 4.32 19.97
C GLN A 30 1.58 3.69 19.96
N GLY A 31 2.55 4.31 19.27
CA GLY A 31 3.87 3.67 19.23
C GLY A 31 3.90 2.58 18.19
N ILE A 32 5.11 2.15 17.80
CA ILE A 32 5.21 1.18 16.71
C ILE A 32 4.77 -0.23 17.09
N VAL A 33 5.12 -0.62 18.32
CA VAL A 33 4.78 -1.98 18.72
C VAL A 33 3.28 -2.27 18.75
N ALA A 34 2.46 -1.41 19.36
CA ALA A 34 1.03 -1.70 19.47
C ALA A 34 0.37 -1.48 18.12
N ALA A 35 0.94 -0.57 17.32
CA ALA A 35 0.38 -0.39 15.98
C ALA A 35 0.65 -1.65 15.15
N TYR A 36 1.90 -2.09 15.18
CA TYR A 36 2.29 -3.33 14.48
C TYR A 36 1.31 -4.43 14.87
N GLN A 37 1.26 -4.69 16.16
CA GLN A 37 0.53 -5.86 16.65
C GLN A 37 -0.97 -5.79 16.39
N ALA A 38 -1.53 -4.58 16.44
CA ALA A 38 -2.93 -4.34 16.15
C ALA A 38 -3.29 -4.79 14.74
N PHE A 39 -2.39 -4.54 13.78
CA PHE A 39 -2.57 -4.93 12.38
C PHE A 39 -2.00 -6.31 12.11
N TYR A 40 -0.90 -6.68 12.75
CA TYR A 40 -0.20 -7.88 12.34
C TYR A 40 -0.05 -8.96 13.40
N GLY A 41 -0.54 -8.74 14.61
CA GLY A 41 -0.43 -9.82 15.58
C GLY A 41 0.82 -9.73 16.42
N PRO A 42 0.97 -10.65 17.38
CA PRO A 42 2.12 -10.58 18.29
C PRO A 42 3.44 -10.54 17.50
N ILE A 43 4.35 -9.70 17.94
CA ILE A 43 5.69 -9.66 17.37
C ILE A 43 6.34 -11.05 17.50
N PRO A 44 6.89 -11.57 16.40
CA PRO A 44 7.30 -12.96 16.29
C PRO A 44 8.70 -13.27 16.77
N PHE A 45 9.48 -12.23 17.01
CA PHE A 45 10.90 -12.47 17.28
C PHE A 45 11.17 -12.32 18.77
N GLU B 4 -7.72 -21.00 2.17
CA GLU B 4 -8.91 -20.24 2.50
C GLU B 4 -9.69 -19.69 1.33
N LEU B 5 -9.28 -18.64 0.61
CA LEU B 5 -10.19 -17.96 -0.28
C LEU B 5 -10.27 -18.54 -1.70
N THR B 6 -11.42 -18.40 -2.33
CA THR B 6 -11.63 -18.78 -3.73
C THR B 6 -11.24 -17.64 -4.63
N LEU B 7 -11.26 -17.89 -5.90
CA LEU B 7 -11.08 -16.81 -6.90
C LEU B 7 -12.08 -15.68 -6.70
N ALA B 8 -13.37 -15.99 -6.60
CA ALA B 8 -14.38 -14.94 -6.47
C ALA B 8 -14.21 -14.12 -5.22
N GLN B 9 -13.93 -14.70 -4.09
CA GLN B 9 -13.72 -14.13 -2.79
C GLN B 9 -12.50 -13.22 -2.88
N THR B 10 -11.41 -13.71 -3.47
CA THR B 10 -10.23 -12.85 -3.61
C THR B 10 -10.53 -11.63 -4.45
N SER B 12 -13.41 -10.20 -5.01
CA SER B 12 -14.34 -9.30 -4.32
C SER B 12 -13.59 -8.33 -3.43
N LEU B 13 -12.61 -8.88 -2.71
CA LEU B 13 -11.79 -8.03 -1.85
C LEU B 13 -11.01 -7.01 -2.67
N ARG B 14 -10.45 -7.45 -3.78
CA ARG B 14 -9.69 -6.55 -4.63
C ARG B 14 -10.59 -5.40 -5.14
N VAL B 16 -13.16 -4.06 -3.74
CA VAL B 16 -13.38 -3.04 -2.72
C VAL B 16 -12.11 -2.25 -2.49
N CYS B 17 -10.98 -2.94 -2.36
CA CYS B 17 -9.73 -2.22 -2.06
C CYS B 17 -9.33 -1.23 -3.13
N THR B 19 -11.07 0.75 -4.70
CA THR B 19 -11.75 2.02 -4.62
C THR B 19 -11.06 3.02 -3.72
N ASN B 20 -10.03 2.60 -3.01
CA ASN B 20 -9.34 3.39 -1.99
C ASN B 20 -7.86 3.45 -2.31
N MET B 21 -7.32 4.62 -2.52
CA MET B 21 -6.00 4.72 -3.10
C MET B 21 -4.95 4.08 -2.23
N ALA B 22 -5.14 4.31 -0.92
CA ALA B 22 -4.13 3.77 -0.01
C ALA B 22 -4.27 2.27 0.12
N CYS B 23 -5.50 1.76 0.08
CA CYS B 23 -5.66 0.30 0.16
C CYS B 23 -5.02 -0.32 -1.08
N ASP B 24 -5.28 0.33 -2.21
CA ASP B 24 -4.82 -0.19 -3.52
C ASP B 24 -3.32 -0.36 -3.50
N MET B 26 -1.38 -0.48 -0.76
CA MET B 26 -0.97 -1.47 0.25
C MET B 26 -1.09 -2.88 -0.29
N ALA B 27 -2.11 -3.15 -1.08
CA ALA B 27 -2.35 -4.49 -1.61
C ALA B 27 -1.17 -4.95 -2.46
N ASP B 28 -0.59 -4.05 -3.23
CA ASP B 28 0.61 -4.41 -4.00
C ASP B 28 1.84 -4.69 -3.15
N ALA B 29 1.98 -4.01 -2.04
CA ALA B 29 3.12 -4.16 -1.12
C ALA B 29 2.94 -5.34 -0.16
N GLN B 30 1.74 -5.62 0.33
CA GLN B 30 1.56 -6.61 1.38
C GLN B 30 0.50 -7.66 1.07
N GLY B 31 -0.16 -7.56 -0.08
CA GLY B 31 -1.17 -8.51 -0.50
C GLY B 31 -2.57 -8.05 -0.14
N ILE B 32 -3.57 -8.56 -0.83
CA ILE B 32 -4.94 -8.11 -0.70
C ILE B 32 -5.49 -8.45 0.69
N VAL B 33 -5.13 -9.58 1.27
CA VAL B 33 -5.71 -9.94 2.60
C VAL B 33 -5.27 -8.89 3.59
N ALA B 34 -3.98 -8.59 3.67
CA ALA B 34 -3.57 -7.61 4.69
C ALA B 34 -4.17 -6.24 4.44
N ALA B 35 -4.20 -5.84 3.16
CA ALA B 35 -4.71 -4.52 2.82
C ALA B 35 -6.20 -4.39 3.15
N TYR B 36 -7.00 -5.38 2.75
CA TYR B 36 -8.42 -5.31 3.04
C TYR B 36 -8.61 -5.23 4.55
N GLN B 37 -7.90 -6.04 5.31
CA GLN B 37 -8.15 -6.09 6.75
C GLN B 37 -7.83 -4.73 7.36
N ALA B 38 -6.79 -4.07 6.88
CA ALA B 38 -6.37 -2.81 7.46
C ALA B 38 -7.37 -1.68 7.24
N PHE B 39 -7.96 -1.72 6.04
CA PHE B 39 -8.87 -0.64 5.67
C PHE B 39 -10.32 -0.97 5.84
N TYR B 40 -10.71 -2.22 5.81
CA TYR B 40 -12.11 -2.62 5.80
C TYR B 40 -12.45 -3.59 6.90
N GLY B 41 -11.50 -4.07 7.71
CA GLY B 41 -11.92 -4.93 8.83
C GLY B 41 -11.82 -6.40 8.47
N PRO B 42 -12.29 -7.29 9.33
CA PRO B 42 -12.14 -8.73 9.10
C PRO B 42 -12.74 -9.16 7.77
N ILE B 43 -12.09 -10.05 7.07
CA ILE B 43 -12.65 -10.59 5.82
C ILE B 43 -13.98 -11.26 6.07
N PRO B 44 -15.01 -10.98 5.27
CA PRO B 44 -16.35 -11.52 5.54
C PRO B 44 -16.59 -12.88 4.96
N PHE B 45 -15.55 -13.72 4.99
CA PHE B 45 -15.81 -15.09 4.49
C PHE B 45 -15.43 -16.09 5.56
N LEU C 5 14.50 12.33 -19.06
CA LEU C 5 13.92 13.01 -17.93
C LEU C 5 14.85 13.01 -16.73
N THR C 6 14.76 14.06 -15.94
CA THR C 6 15.49 14.02 -14.67
C THR C 6 14.71 13.25 -13.60
N LEU C 7 15.37 13.02 -12.45
CA LEU C 7 14.67 12.33 -11.40
C LEU C 7 13.45 13.11 -10.92
N ALA C 8 13.58 14.42 -10.81
CA ALA C 8 12.44 15.25 -10.34
C ALA C 8 11.32 15.24 -11.31
N GLN C 9 11.48 15.35 -12.59
CA GLN C 9 10.59 15.29 -13.71
C GLN C 9 9.87 13.93 -13.71
N THR C 10 10.62 12.89 -13.49
CA THR C 10 10.04 11.53 -13.49
C THR C 10 9.06 11.42 -12.33
N SER C 12 7.62 13.92 -10.74
CA SER C 12 6.45 14.79 -10.96
C SER C 12 5.38 14.09 -11.77
N LEU C 13 5.80 13.29 -12.76
CA LEU C 13 4.82 12.58 -13.58
C LEU C 13 4.12 11.50 -12.73
N ARG C 14 4.87 10.83 -11.87
CA ARG C 14 4.24 9.86 -10.96
C ARG C 14 3.18 10.49 -10.07
N VAL C 16 1.37 13.11 -10.67
CA VAL C 16 0.17 13.35 -11.45
C VAL C 16 -0.59 12.05 -11.71
N CYS C 17 0.14 11.05 -12.18
CA CYS C 17 -0.50 9.78 -12.52
C CYS C 17 -1.22 9.17 -11.33
N THR C 19 -2.96 10.43 -9.23
CA THR C 19 -4.30 10.95 -8.94
C THR C 19 -5.38 10.31 -9.79
N ASN C 20 -5.01 9.40 -10.67
CA ASN C 20 -5.89 8.77 -11.68
C ASN C 20 -5.78 7.27 -11.52
N MET C 21 -6.89 6.63 -11.13
CA MET C 21 -6.83 5.20 -10.84
C MET C 21 -6.22 4.38 -11.95
N ALA C 22 -6.70 4.66 -13.17
CA ALA C 22 -6.26 3.83 -14.28
C ALA C 22 -4.80 4.13 -14.66
N CYS C 23 -4.43 5.40 -14.56
CA CYS C 23 -3.04 5.76 -14.83
C CYS C 23 -2.13 5.08 -13.83
N ASP C 24 -2.52 5.14 -12.57
CA ASP C 24 -1.73 4.62 -11.45
C ASP C 24 -1.44 3.15 -11.75
N MET C 26 -1.59 1.60 -14.79
CA MET C 26 -0.77 1.47 -15.98
C MET C 26 0.70 1.78 -15.71
N ALA C 27 0.98 2.70 -14.81
CA ALA C 27 2.36 3.02 -14.45
C ALA C 27 3.06 1.79 -13.89
N ASP C 28 2.40 0.96 -13.10
CA ASP C 28 3.02 -0.27 -12.63
C ASP C 28 3.23 -1.30 -13.73
N ALA C 29 2.29 -1.27 -14.69
CA ALA C 29 2.43 -2.30 -15.74
C ALA C 29 3.35 -1.95 -16.89
N GLN C 30 3.33 -0.70 -17.32
CA GLN C 30 4.00 -0.22 -18.51
C GLN C 30 5.06 0.84 -18.25
N GLY C 31 5.14 1.27 -16.97
CA GLY C 31 6.06 2.32 -16.59
C GLY C 31 5.44 3.68 -16.78
N ILE C 32 6.03 4.63 -16.05
CA ILE C 32 5.41 5.94 -15.86
C ILE C 32 5.39 6.74 -17.15
N VAL C 33 6.39 6.67 -17.98
CA VAL C 33 6.34 7.47 -19.20
C VAL C 33 5.19 7.02 -20.09
N ALA C 34 5.08 5.72 -20.28
CA ALA C 34 3.96 5.24 -21.10
C ALA C 34 2.59 5.54 -20.49
N ALA C 35 2.49 5.43 -19.17
CA ALA C 35 1.21 5.70 -18.48
C ALA C 35 0.86 7.16 -18.64
N TYR C 36 1.81 8.04 -18.38
CA TYR C 36 1.53 9.49 -18.46
C TYR C 36 1.13 9.79 -19.91
N GLN C 37 1.86 9.27 -20.91
CA GLN C 37 1.55 9.59 -22.30
C GLN C 37 0.14 9.14 -22.71
N ALA C 38 -0.28 7.99 -22.15
CA ALA C 38 -1.59 7.46 -22.44
C ALA C 38 -2.76 8.22 -21.84
N PHE C 39 -2.57 8.81 -20.66
CA PHE C 39 -3.66 9.47 -19.99
C PHE C 39 -3.58 10.99 -20.01
N TYR C 40 -2.39 11.58 -20.17
CA TYR C 40 -2.22 13.02 -20.08
C TYR C 40 -1.59 13.60 -21.33
N GLY C 41 -0.87 12.88 -22.16
CA GLY C 41 -0.36 13.46 -23.40
C GLY C 41 1.15 13.45 -23.42
N PRO C 42 1.73 14.14 -24.39
CA PRO C 42 3.20 14.20 -24.50
C PRO C 42 3.83 14.69 -23.20
N ILE C 43 4.97 14.08 -22.91
CA ILE C 43 5.75 14.46 -21.75
C ILE C 43 6.01 15.97 -21.86
N PRO C 44 5.73 16.73 -20.81
CA PRO C 44 5.72 18.19 -20.92
C PRO C 44 7.08 18.83 -20.74
N PHE C 45 8.14 18.06 -20.59
CA PHE C 45 9.48 18.58 -20.48
C PHE C 45 10.38 18.23 -21.68
#